data_1EB3
#
_entry.id   1EB3
#
_cell.length_a   104.300
_cell.length_b   104.300
_cell.length_c   167.200
_cell.angle_alpha   90.00
_cell.angle_beta   90.00
_cell.angle_gamma   90.00
#
_symmetry.space_group_name_H-M   'I 4 2 2'
#
loop_
_entity.id
_entity.type
_entity.pdbx_description
1 polymer '5-AMINOLAEVULINIC ACID DEHYDRATASE'
2 non-polymer '4,7-DIOXOSEBACIC ACID'
3 non-polymer 'ZINC ION'
4 water water
#
_entity_poly.entity_id   1
_entity_poly.type   'polypeptide(L)'
_entity_poly.pdbx_seq_one_letter_code
;MHTAEFLETEPTEISSVLAGGYNHPLLRQWQSERQLTKNMLIFPLFISDNPDDFTEIDSLPNINRIGVNRLKDYLKPLVA
KGLRSVILFGVPLIPGTKDPVGTAADDPAGPVIQGIKFIREYFPELYIICDVCLCEYTSHGHCGVLYDDGTINRERSVSR
LAAVAVNYAKAGAHCVAPSDMIDGRIRDIKRGLINANLAHKTFVLSYAAKFSGNLYGPFRDAACSAPSNGDRKCYQLPPA
GRGLARRALERDMSEGADGIIVKPSTFYLDIMRDASEICKDLPICAYHVSGEYAMLHAAAEKGVVDLKTIAFESHQGFLR
AGARLIITYLAPEFLDWLDE
;
_entity_poly.pdbx_strand_id   A
#
loop_
_chem_comp.id
_chem_comp.type
_chem_comp.name
_chem_comp.formula
DSB non-polymer '4,7-DIOXOSEBACIC ACID' 'C10 H14 O6'
ZN non-polymer 'ZINC ION' 'Zn 2'
#
# COMPACT_ATOMS: atom_id res chain seq x y z
N MET A 1 -16.98 -40.64 44.57
CA MET A 1 -15.91 -39.99 43.82
C MET A 1 -16.45 -39.49 42.48
N HIS A 2 -16.23 -38.23 42.10
CA HIS A 2 -16.44 -37.90 40.68
C HIS A 2 -15.32 -38.56 39.87
N THR A 3 -15.68 -39.38 38.90
CA THR A 3 -14.76 -40.06 38.00
C THR A 3 -15.03 -39.60 36.54
N ALA A 4 -14.06 -39.88 35.69
CA ALA A 4 -13.95 -39.52 34.28
C ALA A 4 -14.86 -40.37 33.40
N GLU A 5 -15.98 -39.78 33.00
CA GLU A 5 -16.95 -40.47 32.17
C GLU A 5 -16.51 -40.44 30.71
N PHE A 6 -16.71 -41.54 30.02
CA PHE A 6 -16.32 -41.69 28.63
C PHE A 6 -17.52 -42.22 27.88
N LEU A 7 -17.97 -41.49 26.85
CA LEU A 7 -19.14 -42.06 26.16
C LEU A 7 -18.73 -43.12 25.16
N GLU A 8 -19.68 -44.03 24.92
CA GLU A 8 -19.47 -45.05 23.91
C GLU A 8 -19.55 -44.43 22.53
N THR A 9 -18.53 -44.56 21.69
CA THR A 9 -18.67 -43.90 20.37
C THR A 9 -18.41 -44.90 19.25
N GLU A 10 -18.90 -44.58 18.06
CA GLU A 10 -18.79 -45.36 16.84
C GLU A 10 -17.39 -45.26 16.22
N PRO A 11 -17.04 -46.15 15.31
CA PRO A 11 -15.77 -46.09 14.59
C PRO A 11 -15.57 -44.75 13.88
N THR A 12 -14.30 -44.38 13.74
CA THR A 12 -13.98 -43.09 13.15
C THR A 12 -14.46 -42.99 11.71
N GLU A 13 -15.10 -41.88 11.34
CA GLU A 13 -15.44 -41.72 9.92
C GLU A 13 -14.23 -41.13 9.20
N ILE A 14 -13.94 -41.62 8.01
CA ILE A 14 -12.80 -41.07 7.26
C ILE A 14 -13.00 -39.57 7.00
N SER A 15 -14.23 -39.17 6.76
CA SER A 15 -14.57 -37.77 6.50
C SER A 15 -14.19 -36.85 7.66
N SER A 16 -14.14 -37.40 8.88
CA SER A 16 -13.75 -36.59 10.02
C SER A 16 -12.28 -36.26 10.07
N VAL A 17 -11.42 -37.01 9.38
CA VAL A 17 -9.99 -36.98 9.63
C VAL A 17 -9.18 -36.07 8.72
N LEU A 18 -8.80 -34.93 9.28
CA LEU A 18 -8.01 -33.87 8.67
C LEU A 18 -6.56 -33.91 9.08
N ALA A 19 -6.27 -34.50 10.23
CA ALA A 19 -4.96 -34.46 10.87
C ALA A 19 -3.81 -34.95 10.02
N GLY A 20 -4.05 -35.87 9.08
CA GLY A 20 -2.95 -36.36 8.26
C GLY A 20 -2.36 -35.25 7.40
N GLY A 21 -3.09 -34.14 7.24
CA GLY A 21 -2.59 -33.08 6.41
C GLY A 21 -1.66 -32.08 7.07
N TYR A 22 -1.53 -32.02 8.38
CA TYR A 22 -0.69 -30.94 8.92
C TYR A 22 0.06 -31.30 10.20
N ASN A 23 0.52 -32.55 10.27
CA ASN A 23 1.21 -33.07 11.44
C ASN A 23 2.71 -32.83 11.48
N HIS A 24 3.26 -32.16 10.48
CA HIS A 24 4.68 -31.95 10.33
C HIS A 24 4.92 -30.52 9.82
N PRO A 25 5.97 -29.83 10.22
CA PRO A 25 6.16 -28.43 9.80
C PRO A 25 6.27 -28.30 8.28
N LEU A 26 6.82 -29.27 7.56
CA LEU A 26 6.83 -29.08 6.10
C LEU A 26 5.41 -29.11 5.54
N LEU A 27 4.51 -29.90 6.13
CA LEU A 27 3.15 -29.94 5.62
C LEU A 27 2.43 -28.64 5.93
N ARG A 28 2.75 -28.04 7.09
CA ARG A 28 2.06 -26.78 7.36
C ARG A 28 2.49 -25.73 6.35
N GLN A 29 3.60 -25.89 5.67
CA GLN A 29 4.05 -25.02 4.57
C GLN A 29 3.32 -25.31 3.26
N TRP A 30 3.23 -26.59 2.93
CA TRP A 30 2.51 -27.20 1.84
C TRP A 30 1.05 -26.78 1.80
N GLN A 31 0.48 -26.51 2.98
CA GLN A 31 -0.92 -26.17 3.08
C GLN A 31 -1.16 -24.72 2.63
N SER A 32 -0.11 -23.94 2.42
CA SER A 32 -0.34 -22.53 2.04
C SER A 32 -0.72 -22.40 0.58
N GLU A 33 -1.70 -21.57 0.23
CA GLU A 33 -1.97 -21.47 -1.21
C GLU A 33 -0.82 -20.79 -1.93
N ARG A 34 -0.08 -19.97 -1.20
CA ARG A 34 1.15 -19.45 -1.81
C ARG A 34 2.18 -19.03 -0.77
N GLN A 35 3.44 -19.21 -1.15
CA GLN A 35 4.52 -18.88 -0.21
C GLN A 35 5.00 -17.43 -0.36
N LEU A 36 5.42 -16.88 0.75
CA LEU A 36 6.05 -15.60 0.99
C LEU A 36 7.46 -15.57 0.41
N THR A 37 7.71 -14.83 -0.67
CA THR A 37 9.04 -14.70 -1.28
C THR A 37 9.45 -13.22 -1.19
N LYS A 38 10.73 -12.94 -1.35
CA LYS A 38 11.26 -11.59 -1.23
C LYS A 38 10.67 -10.65 -2.29
N ASN A 39 10.49 -11.17 -3.50
CA ASN A 39 10.08 -10.27 -4.58
C ASN A 39 8.61 -9.85 -4.51
N MET A 40 7.88 -10.23 -3.48
CA MET A 40 6.50 -9.87 -3.23
C MET A 40 6.36 -8.59 -2.43
N LEU A 41 7.49 -8.17 -1.87
CA LEU A 41 7.56 -7.08 -0.93
C LEU A 41 7.82 -5.74 -1.65
N ILE A 42 7.02 -4.78 -1.25
CA ILE A 42 7.15 -3.40 -1.71
C ILE A 42 7.32 -2.50 -0.51
N PHE A 43 8.39 -1.71 -0.46
CA PHE A 43 8.70 -0.89 0.70
C PHE A 43 8.41 0.60 0.48
N PRO A 44 7.59 1.24 1.28
CA PRO A 44 7.34 2.69 1.08
C PRO A 44 8.53 3.54 1.49
N LEU A 45 8.79 4.58 0.70
CA LEU A 45 9.80 5.58 0.99
C LEU A 45 9.11 6.95 1.08
N PHE A 46 9.47 7.75 2.08
CA PHE A 46 8.96 9.11 2.14
C PHE A 46 10.09 10.07 1.76
N ILE A 47 9.98 10.71 0.59
CA ILE A 47 11.07 11.58 0.17
C ILE A 47 10.77 13.01 0.60
N SER A 48 11.69 13.63 1.30
CA SER A 48 11.63 15.04 1.73
C SER A 48 12.16 15.99 0.66
N ASP A 49 11.74 17.25 0.60
CA ASP A 49 12.38 18.16 -0.36
C ASP A 49 13.70 18.71 0.19
N ASN A 50 14.00 18.50 1.47
CA ASN A 50 15.33 18.74 2.01
C ASN A 50 16.25 17.55 1.69
N PRO A 51 17.20 17.75 0.79
CA PRO A 51 18.00 16.66 0.27
C PRO A 51 18.86 15.97 1.33
N ASP A 52 19.03 16.56 2.49
CA ASP A 52 19.89 15.98 3.51
C ASP A 52 19.08 15.43 4.67
N ASP A 53 17.76 15.46 4.53
CA ASP A 53 16.84 14.95 5.52
C ASP A 53 17.04 13.47 5.86
N PHE A 54 16.92 13.15 7.14
CA PHE A 54 16.78 11.81 7.67
C PHE A 54 16.11 11.88 9.05
N THR A 55 14.82 12.20 8.98
CA THR A 55 14.00 12.49 10.15
C THR A 55 13.16 11.26 10.50
N GLU A 56 13.28 10.79 11.73
CA GLU A 56 12.49 9.64 12.17
C GLU A 56 11.10 10.11 12.60
N ILE A 57 10.10 9.29 12.33
CA ILE A 57 8.71 9.63 12.61
C ILE A 57 8.13 8.72 13.69
N ASP A 58 7.43 9.27 14.67
CA ASP A 58 6.70 8.49 15.66
C ASP A 58 7.51 7.36 16.30
N SER A 59 8.83 7.46 16.32
CA SER A 59 9.77 6.51 16.88
C SER A 59 9.74 5.13 16.20
N LEU A 60 9.10 4.99 15.04
CA LEU A 60 9.09 3.72 14.32
C LEU A 60 10.33 3.58 13.46
N PRO A 61 10.87 2.38 13.37
CA PRO A 61 12.13 2.21 12.63
C PRO A 61 11.96 2.43 11.13
N ASN A 62 10.86 1.97 10.53
CA ASN A 62 10.86 1.98 9.06
C ASN A 62 9.88 2.97 8.46
N ILE A 63 9.78 4.12 9.11
CA ILE A 63 9.13 5.33 8.67
C ILE A 63 10.07 6.50 8.94
N ASN A 64 10.86 6.88 7.94
CA ASN A 64 11.71 8.05 8.01
C ASN A 64 11.45 8.94 6.79
N ARG A 65 11.51 10.25 7.01
CA ARG A 65 11.54 11.21 5.91
C ARG A 65 12.98 11.31 5.41
N ILE A 66 13.27 10.91 4.19
CA ILE A 66 14.63 10.88 3.64
C ILE A 66 14.82 11.78 2.43
N GLY A 67 15.88 12.58 2.42
CA GLY A 67 16.21 13.41 1.25
C GLY A 67 17.12 12.65 0.33
N VAL A 68 17.16 13.03 -0.94
CA VAL A 68 17.86 12.34 -2.01
C VAL A 68 19.34 12.10 -1.82
N ASN A 69 20.09 12.95 -1.11
CA ASN A 69 21.51 12.69 -0.95
C ASN A 69 21.73 11.56 0.08
N ARG A 70 20.68 11.27 0.84
CA ARG A 70 20.68 10.22 1.84
C ARG A 70 20.10 8.91 1.31
N LEU A 71 19.44 8.89 0.17
CA LEU A 71 18.82 7.68 -0.34
C LEU A 71 19.78 6.57 -0.72
N LYS A 72 20.95 6.86 -1.27
CA LYS A 72 21.79 5.76 -1.73
C LYS A 72 22.36 4.91 -0.58
N ASP A 73 22.70 5.53 0.54
CA ASP A 73 23.22 4.82 1.70
C ASP A 73 22.14 3.93 2.32
N TYR A 74 20.91 4.43 2.23
CA TYR A 74 19.73 3.80 2.80
C TYR A 74 19.23 2.63 1.96
N LEU A 75 19.27 2.77 0.64
CA LEU A 75 18.73 1.69 -0.18
C LEU A 75 19.75 0.58 -0.41
N LYS A 76 21.03 0.93 -0.44
CA LYS A 76 22.06 -0.01 -0.87
C LYS A 76 22.00 -1.38 -0.19
N PRO A 77 21.94 -1.47 1.13
CA PRO A 77 21.88 -2.77 1.80
C PRO A 77 20.51 -3.44 1.72
N LEU A 78 19.46 -2.62 1.58
CA LEU A 78 18.12 -3.15 1.35
C LEU A 78 18.09 -3.86 0.01
N VAL A 79 18.58 -3.18 -1.03
CA VAL A 79 18.65 -3.80 -2.34
C VAL A 79 19.61 -4.97 -2.32
N ALA A 80 20.59 -4.86 -1.45
CA ALA A 80 21.59 -5.88 -1.17
C ALA A 80 20.93 -7.18 -0.71
N LYS A 81 19.91 -7.03 0.11
CA LYS A 81 19.15 -8.13 0.69
C LYS A 81 18.01 -8.59 -0.19
N GLY A 82 17.86 -8.12 -1.42
CA GLY A 82 16.88 -8.56 -2.38
C GLY A 82 15.65 -7.69 -2.56
N LEU A 83 15.66 -6.45 -2.06
CA LEU A 83 14.49 -5.58 -2.23
C LEU A 83 14.25 -5.32 -3.70
N ARG A 84 13.00 -5.50 -4.14
CA ARG A 84 12.78 -5.42 -5.58
C ARG A 84 11.98 -4.18 -5.97
N SER A 85 11.30 -3.58 -5.03
CA SER A 85 10.37 -2.49 -5.41
C SER A 85 10.15 -1.53 -4.28
N VAL A 86 9.92 -0.26 -4.64
CA VAL A 86 9.62 0.81 -3.71
C VAL A 86 8.37 1.58 -4.17
N ILE A 87 7.66 2.18 -3.23
CA ILE A 87 6.50 3.01 -3.47
C ILE A 87 6.80 4.40 -2.86
N LEU A 88 6.89 5.39 -3.76
CA LEU A 88 7.29 6.73 -3.34
C LEU A 88 6.12 7.62 -2.92
N PHE A 89 6.31 8.28 -1.79
CA PHE A 89 5.48 9.33 -1.28
C PHE A 89 6.31 10.62 -1.09
N GLY A 90 5.78 11.72 -1.61
CA GLY A 90 6.45 13.01 -1.46
C GLY A 90 6.03 13.80 -0.26
N VAL A 91 7.01 14.47 0.37
CA VAL A 91 6.75 15.33 1.51
C VAL A 91 7.44 16.68 1.30
N PRO A 92 6.87 17.54 0.48
CA PRO A 92 7.42 18.89 0.26
C PRO A 92 7.27 19.72 1.53
N LEU A 93 8.38 20.00 2.22
CA LEU A 93 8.30 20.79 3.44
C LEU A 93 8.52 22.28 3.20
N ILE A 94 8.97 22.67 2.01
CA ILE A 94 9.23 24.09 1.77
C ILE A 94 7.94 24.89 1.73
N PRO A 95 7.90 25.98 2.48
CA PRO A 95 6.72 26.84 2.59
C PRO A 95 6.32 27.44 1.23
N GLY A 96 5.05 27.75 1.09
CA GLY A 96 4.45 28.31 -0.10
C GLY A 96 4.29 27.32 -1.23
N THR A 97 4.68 26.07 -1.00
CA THR A 97 4.61 25.05 -2.05
C THR A 97 3.21 24.51 -2.24
N LYS A 98 2.47 24.28 -1.16
CA LYS A 98 1.13 23.73 -1.28
C LYS A 98 0.10 24.78 -1.67
N ASP A 99 -0.88 24.39 -2.49
CA ASP A 99 -1.91 25.27 -3.01
C ASP A 99 -3.20 24.51 -3.27
N PRO A 100 -4.33 25.13 -3.60
CA PRO A 100 -5.58 24.38 -3.71
C PRO A 100 -5.68 23.41 -4.88
N VAL A 101 -4.75 23.42 -5.84
CA VAL A 101 -4.88 22.43 -6.91
C VAL A 101 -3.70 21.48 -6.96
N GLY A 102 -2.89 21.44 -5.89
CA GLY A 102 -1.76 20.53 -5.83
C GLY A 102 -0.69 20.71 -6.88
N THR A 103 -0.38 21.96 -7.26
CA THR A 103 0.59 22.21 -8.31
C THR A 103 1.92 21.49 -8.16
N ALA A 104 2.44 21.41 -6.94
CA ALA A 104 3.73 20.79 -6.67
C ALA A 104 3.71 19.27 -6.86
N ALA A 105 2.53 18.67 -6.95
CA ALA A 105 2.49 17.19 -7.09
C ALA A 105 3.41 16.65 -8.18
N ASP A 106 3.45 17.25 -9.37
CA ASP A 106 4.34 16.87 -10.44
C ASP A 106 5.46 17.89 -10.70
N ASP A 107 5.87 18.62 -9.68
CA ASP A 107 7.04 19.49 -9.79
C ASP A 107 8.28 18.69 -10.15
N PRO A 108 8.90 18.93 -11.30
CA PRO A 108 10.11 18.20 -11.67
C PRO A 108 11.25 18.41 -10.68
N ALA A 109 11.17 19.44 -9.84
CA ALA A 109 12.18 19.73 -8.83
C ALA A 109 11.72 19.20 -7.48
N GLY A 110 10.56 18.54 -7.48
CA GLY A 110 9.96 17.96 -6.32
C GLY A 110 10.59 16.62 -5.96
N PRO A 111 10.37 16.19 -4.72
CA PRO A 111 11.05 14.99 -4.21
C PRO A 111 10.60 13.72 -4.94
N VAL A 112 9.34 13.56 -5.34
CA VAL A 112 9.00 12.34 -6.10
C VAL A 112 9.76 12.32 -7.40
N ILE A 113 9.65 13.38 -8.23
CA ILE A 113 10.38 13.20 -9.50
C ILE A 113 11.89 13.20 -9.28
N GLN A 114 12.40 13.88 -8.25
CA GLN A 114 13.84 13.79 -7.98
C GLN A 114 14.21 12.37 -7.58
N GLY A 115 13.39 11.80 -6.70
CA GLY A 115 13.64 10.41 -6.28
C GLY A 115 13.57 9.42 -7.42
N ILE A 116 12.57 9.58 -8.31
CA ILE A 116 12.52 8.72 -9.49
C ILE A 116 13.82 8.81 -10.28
N LYS A 117 14.34 10.03 -10.54
CA LYS A 117 15.55 10.09 -11.35
C LYS A 117 16.76 9.53 -10.60
N PHE A 118 16.81 9.81 -9.30
CA PHE A 118 17.91 9.27 -8.52
C PHE A 118 17.90 7.74 -8.63
N ILE A 119 16.76 7.14 -8.33
CA ILE A 119 16.65 5.68 -8.30
C ILE A 119 16.85 5.06 -9.67
N ARG A 120 16.30 5.62 -10.75
CA ARG A 120 16.56 5.04 -12.07
C ARG A 120 18.05 5.06 -12.42
N GLU A 121 18.81 5.97 -11.82
CA GLU A 121 20.23 6.17 -12.11
C GLU A 121 21.12 5.21 -11.33
N TYR A 122 20.93 5.22 -10.02
CA TYR A 122 21.71 4.52 -9.02
C TYR A 122 21.22 3.10 -8.68
N PHE A 123 20.01 2.73 -9.03
CA PHE A 123 19.44 1.41 -8.75
C PHE A 123 18.54 1.01 -9.90
N PRO A 124 19.13 0.81 -11.07
CA PRO A 124 18.36 0.62 -12.30
C PRO A 124 17.49 -0.64 -12.31
N GLU A 125 17.68 -1.54 -11.37
CA GLU A 125 16.94 -2.78 -11.29
C GLU A 125 15.75 -2.70 -10.35
N LEU A 126 15.70 -1.66 -9.54
CA LEU A 126 14.57 -1.44 -8.64
C LEU A 126 13.33 -1.06 -9.44
N TYR A 127 12.19 -1.63 -9.08
CA TYR A 127 10.88 -1.35 -9.68
C TYR A 127 10.22 -0.22 -8.89
N ILE A 128 9.99 0.89 -9.58
CA ILE A 128 9.48 2.08 -8.94
C ILE A 128 8.00 2.31 -9.16
N ILE A 129 7.27 2.37 -8.07
CA ILE A 129 5.89 2.73 -7.90
C ILE A 129 5.75 4.10 -7.26
N CYS A 130 4.97 4.99 -7.89
CA CYS A 130 4.60 6.21 -7.17
C CYS A 130 3.12 6.31 -6.84
N ASP A 131 2.86 6.66 -5.59
CA ASP A 131 1.54 7.00 -5.11
C ASP A 131 1.06 8.19 -5.96
N VAL A 132 -0.20 8.21 -6.37
CA VAL A 132 -0.72 9.34 -7.13
C VAL A 132 -1.91 9.91 -6.38
N CYS A 133 -1.71 11.11 -5.83
CA CYS A 133 -2.76 11.82 -5.14
C CYS A 133 -2.32 13.29 -4.92
N LEU A 134 -3.26 14.07 -4.42
CA LEU A 134 -2.94 15.49 -4.20
C LEU A 134 -2.86 15.85 -2.73
N CYS A 135 -3.27 14.96 -1.82
CA CYS A 135 -3.36 15.31 -0.40
C CYS A 135 -2.02 15.77 0.17
N GLU A 136 -0.91 15.22 -0.27
CA GLU A 136 0.39 15.67 0.22
C GLU A 136 0.77 17.03 -0.39
N TYR A 137 -0.10 17.60 -1.23
CA TYR A 137 0.36 18.78 -1.97
C TYR A 137 -0.68 19.90 -1.98
N THR A 138 -1.85 19.66 -1.42
CA THR A 138 -2.86 20.69 -1.35
C THR A 138 -2.80 21.42 -0.02
N SER A 139 -3.11 22.71 0.00
CA SER A 139 -3.09 23.41 1.29
C SER A 139 -4.18 22.90 2.24
N HIS A 140 -5.26 22.35 1.67
CA HIS A 140 -6.39 21.91 2.48
C HIS A 140 -6.25 20.45 2.92
N GLY A 141 -5.30 19.72 2.35
CA GLY A 141 -5.02 18.36 2.73
C GLY A 141 -5.97 17.31 2.20
N HIS A 142 -6.82 17.66 1.24
CA HIS A 142 -7.74 16.68 0.66
C HIS A 142 -7.10 16.09 -0.60
N CYS A 143 -7.57 14.90 -0.96
CA CYS A 143 -7.06 14.08 -2.05
C CYS A 143 -7.42 14.63 -3.43
N GLY A 144 -8.38 15.54 -3.50
CA GLY A 144 -8.78 16.14 -4.77
C GLY A 144 -8.90 17.66 -4.74
N VAL A 145 -9.31 18.21 -5.88
CA VAL A 145 -9.61 19.62 -6.06
C VAL A 145 -11.01 19.91 -5.56
N LEU A 146 -11.21 21.00 -4.83
CA LEU A 146 -12.51 21.15 -4.18
C LEU A 146 -13.39 22.23 -4.79
N TYR A 147 -14.69 22.00 -4.65
CA TYR A 147 -15.70 23.00 -4.95
C TYR A 147 -15.60 24.10 -3.89
N ASP A 148 -16.21 25.26 -4.14
CA ASP A 148 -16.12 26.29 -3.10
C ASP A 148 -16.70 25.84 -1.78
N ASP A 149 -17.58 24.84 -1.77
CA ASP A 149 -18.20 24.37 -0.54
C ASP A 149 -17.37 23.31 0.16
N GLY A 150 -16.15 23.11 -0.30
CA GLY A 150 -15.27 22.16 0.35
C GLY A 150 -15.50 20.73 -0.09
N THR A 151 -16.47 20.51 -0.99
CA THR A 151 -16.65 19.13 -1.46
C THR A 151 -15.78 18.91 -2.69
N ILE A 152 -15.62 17.63 -3.01
CA ILE A 152 -14.67 17.25 -4.06
C ILE A 152 -15.27 17.56 -5.43
N ASN A 153 -14.46 18.18 -6.27
CA ASN A 153 -14.74 18.40 -7.67
C ASN A 153 -14.21 17.23 -8.49
N ARG A 154 -15.13 16.33 -8.86
CA ARG A 154 -14.72 15.10 -9.52
C ARG A 154 -13.88 15.39 -10.77
N GLU A 155 -14.49 16.16 -11.68
CA GLU A 155 -13.92 16.27 -13.03
C GLU A 155 -12.60 17.03 -12.98
N ARG A 156 -12.56 18.05 -12.12
CA ARG A 156 -11.35 18.84 -12.00
C ARG A 156 -10.26 18.01 -11.34
N SER A 157 -10.71 17.18 -10.40
CA SER A 157 -9.76 16.34 -9.69
C SER A 157 -9.16 15.29 -10.59
N VAL A 158 -10.03 14.54 -11.31
CA VAL A 158 -9.46 13.47 -12.13
C VAL A 158 -8.63 14.10 -13.25
N SER A 159 -8.98 15.29 -13.71
CA SER A 159 -8.14 15.91 -14.75
C SER A 159 -6.71 16.18 -14.29
N ARG A 160 -6.56 16.65 -13.06
CA ARG A 160 -5.33 16.96 -12.37
C ARG A 160 -4.54 15.69 -12.06
N LEU A 161 -5.28 14.76 -11.43
CA LEU A 161 -4.68 13.46 -11.12
C LEU A 161 -4.11 12.78 -12.33
N ALA A 162 -4.82 12.73 -13.46
CA ALA A 162 -4.33 12.07 -14.66
C ALA A 162 -3.02 12.69 -15.15
N ALA A 163 -2.94 14.02 -15.10
CA ALA A 163 -1.67 14.67 -15.43
C ALA A 163 -0.53 14.29 -14.52
N VAL A 164 -0.74 14.27 -13.22
CA VAL A 164 0.32 13.91 -12.28
C VAL A 164 0.83 12.50 -12.60
N ALA A 165 -0.11 11.58 -12.81
CA ALA A 165 0.27 10.19 -13.10
C ALA A 165 1.04 10.06 -14.39
N VAL A 166 0.63 10.71 -15.49
CA VAL A 166 1.40 10.72 -16.74
C VAL A 166 2.78 11.32 -16.51
N ASN A 167 2.80 12.43 -15.75
CA ASN A 167 4.05 13.15 -15.50
C ASN A 167 5.02 12.26 -14.71
N TYR A 168 4.53 11.48 -13.72
CA TYR A 168 5.45 10.55 -13.04
C TYR A 168 6.00 9.52 -14.01
N ALA A 169 5.14 8.95 -14.88
CA ALA A 169 5.54 7.97 -15.86
C ALA A 169 6.56 8.57 -16.83
N LYS A 170 6.25 9.81 -17.24
CA LYS A 170 7.19 10.50 -18.12
C LYS A 170 8.57 10.65 -17.46
N ALA A 171 8.57 10.88 -16.15
CA ALA A 171 9.78 11.01 -15.39
C ALA A 171 10.50 9.68 -15.21
N GLY A 172 9.79 8.56 -15.34
CA GLY A 172 10.52 7.30 -15.26
C GLY A 172 9.92 6.31 -14.26
N ALA A 173 8.85 6.67 -13.58
CA ALA A 173 8.14 5.70 -12.74
C ALA A 173 7.68 4.52 -13.56
N HIS A 174 7.83 3.30 -13.05
CA HIS A 174 7.31 2.17 -13.83
C HIS A 174 5.81 1.94 -13.59
N CYS A 175 5.37 2.34 -12.41
CA CYS A 175 4.00 2.10 -11.97
C CYS A 175 3.41 3.30 -11.27
N VAL A 176 2.14 3.62 -11.53
CA VAL A 176 1.41 4.62 -10.81
C VAL A 176 0.29 3.96 -9.97
N ALA A 177 0.14 4.44 -8.76
CA ALA A 177 -0.87 3.91 -7.83
C ALA A 177 -1.73 5.03 -7.27
N PRO A 178 -2.82 5.32 -7.97
CA PRO A 178 -3.78 6.34 -7.57
C PRO A 178 -4.52 5.97 -6.28
N SER A 179 -4.33 6.80 -5.25
CA SER A 179 -4.86 6.54 -3.92
C SER A 179 -5.98 7.49 -3.53
N ASP A 180 -6.52 8.20 -4.51
CA ASP A 180 -7.47 9.29 -4.28
C ASP A 180 -8.91 8.89 -4.03
N MET A 181 -9.32 7.72 -4.54
CA MET A 181 -10.67 7.19 -4.38
C MET A 181 -11.73 8.09 -4.97
N ILE A 182 -11.33 8.93 -5.93
CA ILE A 182 -12.29 9.80 -6.60
C ILE A 182 -12.87 9.13 -7.84
N ASP A 183 -14.20 9.14 -7.92
CA ASP A 183 -14.97 8.37 -8.88
C ASP A 183 -14.42 8.54 -10.30
N GLY A 184 -14.15 7.43 -10.96
CA GLY A 184 -13.66 7.34 -12.31
C GLY A 184 -12.24 7.77 -12.56
N ARG A 185 -11.43 8.03 -11.54
CA ARG A 185 -10.07 8.47 -11.85
C ARG A 185 -9.27 7.44 -12.61
N ILE A 186 -9.49 6.12 -12.47
CA ILE A 186 -8.61 5.22 -13.21
C ILE A 186 -8.81 5.32 -14.71
N ARG A 187 -10.03 5.53 -15.16
CA ARG A 187 -10.32 5.65 -16.60
C ARG A 187 -9.50 6.82 -17.19
N ASP A 188 -9.50 7.94 -16.49
CA ASP A 188 -8.83 9.16 -16.99
C ASP A 188 -7.34 9.01 -16.93
N ILE A 189 -6.82 8.32 -15.90
CA ILE A 189 -5.38 8.10 -15.88
C ILE A 189 -4.96 7.15 -16.98
N LYS A 190 -5.71 6.08 -17.23
CA LYS A 190 -5.39 5.13 -18.30
C LYS A 190 -5.43 5.81 -19.68
N ARG A 191 -6.48 6.58 -19.91
CA ARG A 191 -6.60 7.32 -21.17
C ARG A 191 -5.41 8.26 -21.30
N GLY A 192 -5.08 8.97 -20.22
CA GLY A 192 -3.88 9.80 -20.20
C GLY A 192 -2.61 9.09 -20.57
N LEU A 193 -2.38 7.88 -20.02
CA LEU A 193 -1.17 7.14 -20.37
C LEU A 193 -1.18 6.68 -21.82
N ILE A 194 -2.37 6.34 -22.30
CA ILE A 194 -2.53 5.86 -23.66
C ILE A 194 -2.17 7.01 -24.62
N ASN A 195 -2.73 8.19 -24.30
CA ASN A 195 -2.46 9.35 -25.16
C ASN A 195 -0.98 9.72 -25.12
N ALA A 196 -0.26 9.42 -24.04
CA ALA A 196 1.14 9.74 -23.84
C ALA A 196 2.05 8.64 -24.39
N ASN A 197 1.45 7.60 -24.98
CA ASN A 197 2.21 6.49 -25.52
C ASN A 197 3.01 5.80 -24.41
N LEU A 198 2.40 5.71 -23.23
CA LEU A 198 3.05 5.16 -22.06
C LEU A 198 2.25 4.03 -21.40
N ALA A 199 1.10 3.68 -21.97
CA ALA A 199 0.23 2.72 -21.31
C ALA A 199 0.81 1.31 -21.43
N HIS A 200 1.66 1.08 -22.41
CA HIS A 200 2.25 -0.25 -22.64
C HIS A 200 3.49 -0.44 -21.77
N LYS A 201 3.86 0.59 -21.03
CA LYS A 201 5.01 0.63 -20.17
C LYS A 201 4.70 0.84 -18.70
N THR A 202 3.46 1.20 -18.40
CA THR A 202 3.12 1.66 -17.08
C THR A 202 2.03 0.81 -16.43
N PHE A 203 2.41 0.21 -15.30
CA PHE A 203 1.43 -0.58 -14.55
C PHE A 203 0.55 0.34 -13.74
N VAL A 204 -0.76 0.22 -13.93
CA VAL A 204 -1.64 0.96 -13.07
C VAL A 204 -2.14 0.06 -11.93
N LEU A 205 -1.72 0.41 -10.73
CA LEU A 205 -2.04 -0.32 -9.51
C LEU A 205 -3.01 0.54 -8.70
N SER A 206 -4.31 0.29 -8.90
CA SER A 206 -5.30 1.09 -8.21
C SER A 206 -5.48 0.72 -6.74
N TYR A 207 -5.52 1.75 -5.90
CA TYR A 207 -6.13 1.58 -4.58
C TYR A 207 -7.65 1.61 -4.77
N ALA A 208 -8.17 0.44 -5.19
CA ALA A 208 -9.58 0.32 -5.55
C ALA A 208 -10.46 0.14 -4.33
N ALA A 209 -9.97 -0.69 -3.39
CA ALA A 209 -10.72 -0.88 -2.17
C ALA A 209 -9.98 -0.25 -0.99
N LYS A 210 -10.15 1.07 -0.84
CA LYS A 210 -9.45 1.87 0.16
C LYS A 210 -10.45 2.48 1.14
N PHE A 211 -10.27 2.07 2.41
CA PHE A 211 -11.26 2.39 3.43
C PHE A 211 -10.89 3.55 4.34
N SER A 212 -11.91 4.35 4.64
CA SER A 212 -11.82 5.37 5.67
C SER A 212 -11.68 4.64 7.02
N GLY A 213 -11.02 5.22 7.99
CA GLY A 213 -10.91 4.56 9.30
C GLY A 213 -9.84 5.21 10.15
N ASN A 214 -9.46 4.49 11.19
CA ASN A 214 -8.64 4.95 12.30
C ASN A 214 -7.21 4.48 12.20
N LEU A 215 -6.79 3.95 11.06
CA LEU A 215 -5.50 3.28 11.02
C LEU A 215 -4.42 4.01 10.23
N TYR A 216 -4.63 5.29 9.88
CA TYR A 216 -3.65 6.02 9.08
C TYR A 216 -2.89 7.09 9.86
N GLY A 217 -3.00 7.15 11.17
CA GLY A 217 -2.33 8.12 12.01
C GLY A 217 -0.90 8.44 11.69
N PRO A 218 0.00 7.48 11.84
CA PRO A 218 1.42 7.67 11.63
C PRO A 218 1.79 8.10 10.21
N PHE A 219 1.13 7.54 9.20
CA PHE A 219 1.39 7.94 7.82
C PHE A 219 1.19 9.46 7.66
N ARG A 220 0.09 9.91 8.22
CA ARG A 220 -0.31 11.31 8.12
C ARG A 220 0.77 12.19 8.75
N ASP A 221 1.37 11.70 9.84
CA ASP A 221 2.48 12.41 10.46
C ASP A 221 3.69 12.43 9.54
N ALA A 222 3.98 11.33 8.84
CA ALA A 222 5.20 11.29 8.05
C ALA A 222 5.02 12.01 6.71
N ALA A 223 3.82 11.98 6.12
CA ALA A 223 3.72 12.60 4.79
C ALA A 223 3.11 14.00 4.86
N CYS A 224 2.81 14.43 6.07
CA CYS A 224 2.16 15.65 6.52
C CYS A 224 0.94 15.99 5.67
N SER A 225 0.03 15.03 5.56
CA SER A 225 -1.05 15.18 4.59
C SER A 225 -2.44 15.20 5.19
N ALA A 226 -2.56 15.41 6.50
CA ALA A 226 -3.88 15.37 7.13
C ALA A 226 -4.84 16.38 6.55
N PRO A 227 -6.11 16.04 6.36
CA PRO A 227 -7.05 17.04 5.82
C PRO A 227 -7.10 18.17 6.85
N SER A 228 -7.32 19.38 6.37
CA SER A 228 -7.37 20.55 7.24
C SER A 228 -8.75 20.72 7.84
N ASN A 229 -9.77 20.50 7.00
CA ASN A 229 -11.16 20.63 7.43
C ASN A 229 -11.92 19.34 7.10
N GLY A 230 -12.38 18.68 8.16
CA GLY A 230 -13.19 17.49 8.02
C GLY A 230 -12.37 16.23 7.78
N ASP A 231 -12.90 15.36 6.92
CA ASP A 231 -12.32 14.03 6.80
C ASP A 231 -12.53 13.45 5.41
N ARG A 232 -12.12 12.20 5.23
CA ARG A 232 -12.22 11.55 3.93
C ARG A 232 -13.45 10.67 3.74
N LYS A 233 -14.50 10.78 4.55
CA LYS A 233 -15.59 9.81 4.54
C LYS A 233 -16.46 9.87 3.30
N CYS A 234 -16.37 10.93 2.49
CA CYS A 234 -17.22 10.91 1.29
C CYS A 234 -16.50 10.42 0.05
N TYR A 235 -15.21 10.06 0.13
CA TYR A 235 -14.56 9.40 -1.00
C TYR A 235 -13.92 8.07 -0.56
N GLN A 236 -13.26 8.01 0.60
CA GLN A 236 -12.76 6.70 1.07
C GLN A 236 -13.96 5.87 1.48
N LEU A 237 -13.87 4.55 1.31
CA LEU A 237 -15.07 3.74 1.52
C LEU A 237 -15.36 3.57 3.00
N PRO A 238 -16.64 3.50 3.36
CA PRO A 238 -16.99 3.27 4.76
C PRO A 238 -16.64 1.80 5.09
N PRO A 239 -16.05 1.62 6.25
CA PRO A 239 -15.63 0.27 6.69
C PRO A 239 -16.71 -0.78 6.53
N ALA A 240 -17.98 -0.46 6.76
CA ALA A 240 -18.99 -1.51 6.63
C ALA A 240 -19.42 -1.74 5.18
N GLY A 241 -18.92 -0.92 4.27
CA GLY A 241 -19.33 -0.95 2.88
C GLY A 241 -18.77 -2.03 2.00
N ARG A 242 -19.21 -3.28 2.22
CA ARG A 242 -18.77 -4.39 1.40
C ARG A 242 -19.26 -4.28 -0.05
N GLY A 243 -20.53 -3.92 -0.21
CA GLY A 243 -21.17 -3.78 -1.52
C GLY A 243 -20.45 -2.68 -2.33
N LEU A 244 -20.09 -1.58 -1.68
CA LEU A 244 -19.39 -0.49 -2.36
C LEU A 244 -17.97 -0.91 -2.72
N ALA A 245 -17.28 -1.63 -1.83
CA ALA A 245 -15.98 -2.17 -2.19
C ALA A 245 -16.00 -3.08 -3.40
N ARG A 246 -16.98 -3.98 -3.45
CA ARG A 246 -17.11 -4.91 -4.56
C ARG A 246 -17.34 -4.12 -5.86
N ARG A 247 -18.19 -3.10 -5.76
CA ARG A 247 -18.41 -2.31 -6.99
C ARG A 247 -17.19 -1.50 -7.38
N ALA A 248 -16.40 -1.05 -6.42
CA ALA A 248 -15.21 -0.24 -6.73
C ALA A 248 -14.13 -1.09 -7.34
N LEU A 249 -14.13 -2.38 -6.90
CA LEU A 249 -13.22 -3.31 -7.53
C LEU A 249 -13.55 -3.62 -9.00
N GLU A 250 -14.81 -3.85 -9.32
CA GLU A 250 -15.25 -4.12 -10.68
C GLU A 250 -15.01 -2.88 -11.58
N ARG A 251 -15.33 -1.74 -11.01
CA ARG A 251 -15.12 -0.47 -11.72
C ARG A 251 -13.67 -0.27 -12.10
N ASP A 252 -12.76 -0.33 -11.14
CA ASP A 252 -11.37 0.01 -11.41
C ASP A 252 -10.74 -0.97 -12.38
N MET A 253 -11.10 -2.25 -12.33
CA MET A 253 -10.63 -3.23 -13.29
C MET A 253 -11.15 -2.93 -14.69
N SER A 254 -12.41 -2.54 -14.79
CA SER A 254 -13.08 -2.19 -16.04
C SER A 254 -12.44 -0.95 -16.69
N GLU A 255 -11.94 -0.06 -15.88
CA GLU A 255 -11.34 1.22 -16.28
C GLU A 255 -9.85 1.14 -16.57
N GLY A 256 -9.23 -0.04 -16.48
CA GLY A 256 -7.86 -0.25 -16.84
C GLY A 256 -6.87 -0.62 -15.76
N ALA A 257 -7.27 -0.85 -14.51
CA ALA A 257 -6.26 -1.23 -13.50
C ALA A 257 -5.55 -2.51 -13.92
N ASP A 258 -4.24 -2.60 -13.81
CA ASP A 258 -3.48 -3.82 -14.06
C ASP A 258 -3.34 -4.65 -12.77
N GLY A 259 -3.54 -4.01 -11.64
CA GLY A 259 -3.42 -4.60 -10.31
C GLY A 259 -4.27 -3.82 -9.36
N ILE A 260 -4.60 -4.40 -8.20
CA ILE A 260 -5.38 -3.63 -7.24
C ILE A 260 -4.75 -3.76 -5.86
N ILE A 261 -4.88 -2.69 -5.09
CA ILE A 261 -4.51 -2.64 -3.68
C ILE A 261 -5.74 -2.63 -2.82
N VAL A 262 -5.73 -3.47 -1.76
CA VAL A 262 -6.72 -3.40 -0.72
C VAL A 262 -6.03 -2.77 0.50
N LYS A 263 -6.65 -1.77 1.08
CA LYS A 263 -6.03 -1.04 2.20
C LYS A 263 -7.05 -0.51 3.17
N PRO A 264 -6.88 -0.61 4.49
CA PRO A 264 -5.86 -1.40 5.20
C PRO A 264 -5.97 -2.89 4.90
N SER A 265 -5.22 -3.74 5.60
CA SER A 265 -5.01 -5.12 5.17
C SER A 265 -5.66 -6.12 6.14
N THR A 266 -4.98 -6.36 7.24
CA THR A 266 -5.49 -7.23 8.31
C THR A 266 -6.94 -6.95 8.63
N PHE A 267 -7.29 -5.67 8.78
CA PHE A 267 -8.65 -5.36 9.17
C PHE A 267 -9.65 -5.50 8.04
N TYR A 268 -9.21 -5.73 6.80
CA TYR A 268 -10.05 -5.88 5.62
C TYR A 268 -9.70 -7.15 4.87
N LEU A 269 -9.26 -8.23 5.57
CA LEU A 269 -8.91 -9.46 4.88
C LEU A 269 -10.06 -10.06 4.08
N ASP A 270 -11.30 -9.89 4.54
CA ASP A 270 -12.44 -10.40 3.80
C ASP A 270 -12.64 -9.70 2.45
N ILE A 271 -12.20 -8.44 2.38
CA ILE A 271 -12.32 -7.72 1.09
C ILE A 271 -11.26 -8.21 0.12
N MET A 272 -10.12 -8.57 0.69
CA MET A 272 -9.10 -9.26 -0.10
C MET A 272 -9.65 -10.51 -0.73
N ARG A 273 -10.39 -11.28 0.11
CA ARG A 273 -11.00 -12.51 -0.41
C ARG A 273 -12.03 -12.18 -1.50
N ASP A 274 -12.85 -11.16 -1.26
CA ASP A 274 -13.80 -10.70 -2.27
C ASP A 274 -13.04 -10.28 -3.53
N ALA A 275 -12.00 -9.50 -3.35
CA ALA A 275 -11.17 -9.12 -4.52
C ALA A 275 -10.57 -10.33 -5.24
N SER A 276 -10.25 -11.41 -4.54
CA SER A 276 -9.57 -12.52 -5.19
C SER A 276 -10.51 -13.25 -6.13
N GLU A 277 -11.80 -13.01 -5.96
CA GLU A 277 -12.79 -13.58 -6.86
C GLU A 277 -13.10 -12.62 -8.01
N ILE A 278 -13.42 -11.38 -7.66
CA ILE A 278 -13.82 -10.41 -8.68
C ILE A 278 -12.65 -10.13 -9.61
N CYS A 279 -11.48 -9.91 -9.02
CA CYS A 279 -10.27 -9.57 -9.74
C CYS A 279 -9.35 -10.77 -9.86
N LYS A 280 -9.94 -11.96 -10.06
CA LYS A 280 -9.09 -13.15 -10.13
C LYS A 280 -8.01 -13.10 -11.18
N ASP A 281 -8.12 -12.31 -12.25
CA ASP A 281 -7.09 -12.38 -13.28
C ASP A 281 -6.00 -11.33 -13.05
N LEU A 282 -6.15 -10.51 -12.02
CA LEU A 282 -5.19 -9.47 -11.65
C LEU A 282 -4.43 -9.69 -10.34
N PRO A 283 -3.19 -9.22 -10.29
CA PRO A 283 -2.45 -9.18 -9.02
C PRO A 283 -3.17 -8.36 -7.96
N ILE A 284 -3.31 -8.95 -6.76
CA ILE A 284 -3.84 -8.26 -5.61
C ILE A 284 -2.72 -7.97 -4.61
N CYS A 285 -2.75 -6.72 -4.14
CA CYS A 285 -1.69 -6.24 -3.25
C CYS A 285 -2.29 -5.77 -1.96
N ALA A 286 -1.73 -6.25 -0.84
CA ALA A 286 -2.17 -5.82 0.47
C ALA A 286 -1.32 -4.67 1.00
N TYR A 287 -1.98 -3.64 1.55
CA TYR A 287 -1.23 -2.54 2.16
C TYR A 287 -1.36 -2.63 3.69
N HIS A 288 -0.25 -3.07 4.27
CA HIS A 288 -0.11 -3.09 5.73
C HIS A 288 0.19 -1.64 6.16
N VAL A 289 -0.87 -0.96 6.63
CA VAL A 289 -0.80 0.48 6.82
C VAL A 289 -0.08 0.82 8.12
N SER A 290 0.28 2.11 8.22
CA SER A 290 1.11 2.59 9.32
C SER A 290 0.46 2.33 10.68
N GLY A 291 -0.84 2.42 10.78
CA GLY A 291 -1.63 2.13 11.97
C GLY A 291 -1.57 0.66 12.37
N GLU A 292 -1.67 -0.21 11.39
CA GLU A 292 -1.54 -1.65 11.59
C GLU A 292 -0.13 -2.02 11.99
N TYR A 293 0.86 -1.47 11.33
CA TYR A 293 2.28 -1.63 11.63
C TYR A 293 2.61 -1.17 13.05
N ALA A 294 2.18 0.01 13.46
CA ALA A 294 2.52 0.53 14.78
C ALA A 294 1.72 -0.20 15.86
N MET A 295 0.54 -0.69 15.49
CA MET A 295 -0.27 -1.46 16.43
C MET A 295 0.54 -2.73 16.78
N LEU A 296 1.14 -3.37 15.80
CA LEU A 296 1.92 -4.60 16.09
C LEU A 296 3.11 -4.22 16.96
N HIS A 297 3.76 -3.09 16.67
CA HIS A 297 4.89 -2.71 17.52
C HIS A 297 4.47 -2.44 18.94
N ALA A 298 3.37 -1.70 19.10
CA ALA A 298 2.83 -1.42 20.40
C ALA A 298 2.53 -2.71 21.17
N ALA A 299 1.82 -3.63 20.53
CA ALA A 299 1.47 -4.92 21.16
C ALA A 299 2.72 -5.68 21.58
N ALA A 300 3.74 -5.67 20.71
CA ALA A 300 4.95 -6.43 20.99
C ALA A 300 5.73 -5.79 22.13
N GLU A 301 5.61 -4.48 22.33
CA GLU A 301 6.40 -3.89 23.41
C GLU A 301 5.72 -4.14 24.75
N LYS A 302 4.39 -4.26 24.69
CA LYS A 302 3.63 -4.47 25.91
C LYS A 302 3.67 -5.95 26.31
N GLY A 303 4.30 -6.77 25.47
CA GLY A 303 4.43 -8.20 25.71
C GLY A 303 3.25 -9.03 25.29
N VAL A 304 2.31 -8.48 24.51
CA VAL A 304 1.12 -9.22 24.11
C VAL A 304 1.44 -10.25 23.03
N VAL A 305 2.42 -9.91 22.19
CA VAL A 305 2.79 -10.74 21.07
C VAL A 305 4.28 -10.68 20.85
N ASP A 306 4.76 -11.57 20.01
CA ASP A 306 6.13 -11.56 19.55
C ASP A 306 6.20 -10.93 18.16
N LEU A 307 6.98 -9.86 18.04
CA LEU A 307 6.95 -9.07 16.80
C LEU A 307 7.19 -9.90 15.57
N LYS A 308 8.32 -10.59 15.45
CA LYS A 308 8.54 -11.46 14.30
C LYS A 308 7.41 -12.46 14.09
N THR A 309 6.94 -13.09 15.16
CA THR A 309 5.86 -14.08 15.06
C THR A 309 4.54 -13.52 14.55
N ILE A 310 4.05 -12.43 15.13
CA ILE A 310 2.78 -11.88 14.63
C ILE A 310 2.98 -11.22 13.28
N ALA A 311 4.21 -10.81 12.96
CA ALA A 311 4.46 -10.26 11.63
C ALA A 311 4.29 -11.34 10.58
N PHE A 312 4.87 -12.52 10.86
CA PHE A 312 4.68 -13.61 9.91
C PHE A 312 3.22 -14.01 9.87
N GLU A 313 2.53 -14.07 10.99
CA GLU A 313 1.14 -14.51 11.00
C GLU A 313 0.32 -13.51 10.16
N SER A 314 0.47 -12.22 10.41
CA SER A 314 -0.30 -11.23 9.65
C SER A 314 -0.01 -11.29 8.16
N HIS A 315 1.25 -11.41 7.76
CA HIS A 315 1.64 -11.36 6.35
C HIS A 315 1.29 -12.64 5.64
N GLN A 316 1.36 -13.77 6.35
CA GLN A 316 0.78 -14.97 5.72
C GLN A 316 -0.70 -14.85 5.51
N GLY A 317 -1.42 -14.20 6.41
CA GLY A 317 -2.85 -13.98 6.29
C GLY A 317 -3.18 -13.24 4.99
N PHE A 318 -2.35 -12.24 4.64
CA PHE A 318 -2.60 -11.57 3.36
C PHE A 318 -2.63 -12.57 2.22
N LEU A 319 -1.60 -13.43 2.18
CA LEU A 319 -1.45 -14.38 1.10
C LEU A 319 -2.59 -15.41 1.14
N ARG A 320 -2.94 -15.84 2.35
CA ARG A 320 -4.08 -16.74 2.52
C ARG A 320 -5.35 -16.14 1.92
N ALA A 321 -5.53 -14.84 2.18
CA ALA A 321 -6.73 -14.16 1.71
C ALA A 321 -6.71 -13.85 0.22
N GLY A 322 -5.61 -14.06 -0.50
CA GLY A 322 -5.70 -13.85 -1.94
C GLY A 322 -4.64 -12.92 -2.53
N ALA A 323 -3.99 -12.12 -1.72
CA ALA A 323 -2.93 -11.21 -2.13
C ALA A 323 -1.71 -11.97 -2.62
N ARG A 324 -1.07 -11.46 -3.67
CA ARG A 324 0.23 -12.03 -4.10
C ARG A 324 1.33 -10.98 -4.02
N LEU A 325 1.00 -9.80 -3.52
CA LEU A 325 1.91 -8.70 -3.24
C LEU A 325 1.58 -7.98 -1.94
N ILE A 326 2.62 -7.39 -1.35
CA ILE A 326 2.46 -6.73 -0.08
C ILE A 326 3.29 -5.44 0.01
N ILE A 327 2.60 -4.34 0.25
CA ILE A 327 3.27 -3.10 0.66
C ILE A 327 3.34 -3.10 2.18
N THR A 328 4.56 -3.03 2.70
CA THR A 328 4.74 -3.14 4.14
C THR A 328 5.99 -2.45 4.65
N TYR A 329 5.81 -1.77 5.76
CA TYR A 329 6.86 -1.07 6.49
C TYR A 329 7.78 -2.09 7.17
N LEU A 330 7.38 -3.36 7.14
CA LEU A 330 8.26 -4.38 7.70
C LEU A 330 9.11 -5.04 6.64
N ALA A 331 9.15 -4.52 5.42
CA ALA A 331 10.00 -5.12 4.40
C ALA A 331 11.45 -5.28 4.83
N PRO A 332 12.13 -4.34 5.47
CA PRO A 332 13.53 -4.59 5.85
C PRO A 332 13.67 -5.82 6.75
N GLU A 333 12.76 -6.00 7.70
CA GLU A 333 12.79 -7.20 8.55
C GLU A 333 12.60 -8.47 7.75
N PHE A 334 11.62 -8.54 6.85
CA PHE A 334 11.39 -9.75 6.08
C PHE A 334 12.53 -10.04 5.09
N LEU A 335 13.32 -9.05 4.71
CA LEU A 335 14.42 -9.34 3.79
C LEU A 335 15.55 -10.11 4.49
N ASP A 336 15.58 -9.98 5.80
CA ASP A 336 16.47 -10.76 6.66
C ASP A 336 15.82 -12.08 7.05
N TRP A 337 14.58 -11.98 7.53
CA TRP A 337 13.84 -13.13 8.03
C TRP A 337 13.65 -14.25 7.03
N LEU A 338 13.43 -13.92 5.76
CA LEU A 338 13.12 -14.92 4.76
C LEU A 338 14.39 -15.65 4.32
N ASP A 339 15.51 -15.18 4.87
CA ASP A 339 16.81 -15.80 4.65
C ASP A 339 16.98 -17.05 5.51
N GLU A 340 16.44 -16.98 6.73
CA GLU A 340 16.50 -18.03 7.73
C GLU A 340 15.22 -18.85 7.80
C1 DSB B . -0.65 4.28 5.98
O2 DSB B . -1.13 4.45 7.15
C2 DSB B . -1.44 4.82 4.81
C3 DSB B . -0.89 4.38 3.46
C5 DSB B . -1.30 6.00 1.51
O1 DSB B . 0.47 3.70 5.78
C6 DSB B . -2.32 6.38 0.46
C8 DSB B . -4.26 7.56 1.68
C9 DSB B . -3.81 7.44 3.12
C10 DSB B . -4.46 8.45 4.03
O11 DSB B . -5.71 8.68 3.94
O12 DSB B . -3.75 9.06 4.89
C7 DSB B . -3.79 6.40 0.82
C4 DSB B . -1.85 4.89 2.40
ZN ZN C . -4.72 11.30 -0.93
#